data_2OF3
#
_entry.id   2OF3
#
_cell.length_a   54.130
_cell.length_b   54.130
_cell.length_c   116.530
_cell.angle_alpha   90.00
_cell.angle_beta   90.00
_cell.angle_gamma   90.00
#
_symmetry.space_group_name_H-M   'P 41'
#
loop_
_entity.id
_entity.type
_entity.pdbx_description
1 polymer ZYG-9
2 water water
#
_entity_poly.entity_id   1
_entity_poly.type   'polypeptide(L)'
_entity_poly.pdbx_seq_one_letter_code
;AELLLSDNEDKKQRIKEEKQLKLVKWNFQAPTDEHISQLQTLLGNQAKVSLMSQLFHKDFKQHLAALDSLVRLADTSPRS
LLSNSDLLLKWCTLRFFETNPAALIKVLELCKVIVELIRDTETPMSQEEVSAFVPYLLLKTGEAKDNMRTSVRDIVNVLS
DVVGPLKMTPMLLDALKSKNARQRSECLLVIEYYITNAGISPLKSLSVEKTVAPFVGDKDVNVRNAAINVLVACFKFEGD
QMWKAAGRMADKDKSLVEERIKRTGV
;
_entity_poly.pdbx_strand_id   A
#
# COMPACT_ATOMS: atom_id res chain seq x y z
N ALA A 1 -21.33 26.87 -11.62
CA ALA A 1 -21.62 25.45 -12.00
C ALA A 1 -21.18 24.50 -10.85
N GLU A 2 -21.93 23.41 -10.58
CA GLU A 2 -21.58 22.52 -9.43
C GLU A 2 -20.60 21.37 -9.72
N LEU A 3 -19.62 21.29 -8.82
CA LEU A 3 -18.60 20.24 -8.83
C LEU A 3 -19.28 18.88 -8.62
N LEU A 4 -18.88 17.91 -9.41
CA LEU A 4 -19.26 16.55 -9.19
C LEU A 4 -18.88 16.01 -7.77
N LEU A 5 -17.78 16.55 -7.22
CA LEU A 5 -17.19 16.09 -5.98
C LEU A 5 -16.72 17.31 -5.27
N SER A 6 -17.01 17.43 -3.97
CA SER A 6 -16.69 18.61 -3.19
C SER A 6 -15.21 19.02 -3.13
N ASP A 7 -14.96 20.28 -2.79
CA ASP A 7 -13.64 20.76 -2.50
C ASP A 7 -13.88 21.53 -1.21
N ASN A 8 -13.67 20.89 -0.07
CA ASN A 8 -13.82 21.53 1.24
C ASN A 8 -12.79 20.92 2.18
N GLU A 9 -12.87 21.22 3.45
CA GLU A 9 -11.92 20.66 4.41
C GLU A 9 -12.58 19.65 5.33
N ASP A 10 -13.59 18.94 4.84
CA ASP A 10 -14.28 17.96 5.72
C ASP A 10 -13.40 16.77 6.06
N LYS A 11 -12.34 16.52 5.31
CA LYS A 11 -11.33 15.52 5.74
C LYS A 11 -10.87 15.69 7.17
N LYS A 12 -10.58 16.92 7.58
CA LYS A 12 -10.19 17.14 8.99
C LYS A 12 -11.25 16.67 9.99
N GLN A 13 -12.54 16.93 9.70
CA GLN A 13 -13.66 16.48 10.50
C GLN A 13 -13.77 14.94 10.50
N ARG A 14 -13.52 14.27 9.37
CA ARG A 14 -13.55 12.80 9.31
C ARG A 14 -12.43 12.18 10.11
N ILE A 15 -11.21 12.73 10.01
CA ILE A 15 -10.07 12.25 10.80
C ILE A 15 -10.33 12.42 12.30
N LYS A 16 -10.81 13.59 12.69
CA LYS A 16 -11.15 13.84 14.07
C LYS A 16 -12.25 12.89 14.61
N GLU A 17 -13.34 12.69 13.85
CA GLU A 17 -14.41 11.78 14.27
C GLU A 17 -13.92 10.37 14.44
N GLU A 18 -13.00 9.90 13.59
CA GLU A 18 -12.41 8.56 13.76
C GLU A 18 -11.58 8.49 15.06
N LYS A 19 -10.77 9.52 15.31
CA LYS A 19 -9.98 9.56 16.56
C LYS A 19 -10.88 9.61 17.82
N GLN A 20 -12.04 10.23 17.68
CA GLN A 20 -13.07 10.32 18.73
C GLN A 20 -13.86 9.06 18.89
N LEU A 21 -13.51 8.02 18.12
CA LEU A 21 -14.20 6.71 18.11
C LEU A 21 -15.64 6.85 17.69
N LYS A 22 -15.88 7.75 16.74
CA LYS A 22 -17.19 7.99 16.22
C LYS A 22 -17.30 7.58 14.75
N LEU A 23 -16.25 6.96 14.22
CA LEU A 23 -16.28 6.25 12.94
C LEU A 23 -15.64 4.91 13.16
N VAL A 24 -16.16 3.88 12.50
CA VAL A 24 -15.58 2.55 12.57
C VAL A 24 -14.31 2.56 11.73
N LYS A 25 -13.32 1.79 12.17
CA LYS A 25 -12.00 1.80 11.57
C LYS A 25 -11.94 0.85 10.38
N TRP A 26 -11.30 1.33 9.33
CA TRP A 26 -11.24 0.61 8.06
C TRP A 26 -10.14 -0.45 8.18
N ASN A 27 -10.48 -1.54 8.88
CA ASN A 27 -9.48 -2.54 9.27
C ASN A 27 -10.05 -3.95 9.21
N PHE A 28 -11.10 -4.12 8.41
CA PHE A 28 -11.73 -5.41 8.19
C PHE A 28 -10.82 -6.42 7.48
N GLN A 29 -11.17 -7.70 7.55
CA GLN A 29 -10.51 -8.73 6.81
C GLN A 29 -11.12 -8.78 5.43
N ALA A 30 -12.42 -8.52 5.37
CA ALA A 30 -13.14 -8.45 4.12
C ALA A 30 -14.25 -7.42 4.37
N PRO A 31 -14.65 -6.66 3.34
CA PRO A 31 -15.64 -5.57 3.56
C PRO A 31 -16.94 -6.09 4.19
N THR A 32 -17.55 -5.32 5.09
CA THR A 32 -18.81 -5.69 5.73
C THR A 32 -19.85 -4.63 5.43
N ASP A 33 -21.13 -4.94 5.60
CA ASP A 33 -22.19 -3.97 5.32
C ASP A 33 -21.94 -2.71 6.14
N GLU A 34 -21.47 -2.88 7.36
CA GLU A 34 -21.27 -1.72 8.23
C GLU A 34 -20.26 -0.68 7.68
N HIS A 35 -19.16 -1.18 7.14
CA HIS A 35 -18.12 -0.33 6.55
C HIS A 35 -18.64 0.34 5.26
N ILE A 36 -19.28 -0.41 4.38
CA ILE A 36 -19.81 0.13 3.14
C ILE A 36 -20.86 1.19 3.42
N SER A 37 -21.76 0.95 4.38
CA SER A 37 -22.82 1.98 4.67
C SER A 37 -22.18 3.24 5.23
N GLN A 38 -21.14 3.09 6.07
CA GLN A 38 -20.48 4.28 6.63
C GLN A 38 -19.84 5.08 5.47
N LEU A 39 -19.12 4.40 4.59
CA LEU A 39 -18.50 5.08 3.45
C LEU A 39 -19.52 5.78 2.57
N GLN A 40 -20.63 5.10 2.28
CA GLN A 40 -21.69 5.69 1.48
C GLN A 40 -22.31 6.93 2.10
N THR A 41 -22.53 6.96 3.41
CA THR A 41 -22.96 8.16 4.13
C THR A 41 -21.93 9.26 4.04
N LEU A 42 -20.67 8.95 4.26
CA LEU A 42 -19.62 10.01 4.23
C LEU A 42 -19.46 10.57 2.80
N LEU A 43 -19.46 9.69 1.83
CA LEU A 43 -19.31 10.15 0.45
C LEU A 43 -20.58 10.87 -0.05
N GLY A 44 -21.75 10.43 0.44
CA GLY A 44 -23.00 11.12 0.14
C GLY A 44 -23.02 12.56 0.52
N ASN A 45 -22.25 12.95 1.54
CA ASN A 45 -22.14 14.35 1.94
C ASN A 45 -21.18 15.15 1.03
N GLN A 46 -20.53 14.48 0.08
CA GLN A 46 -19.44 15.09 -0.75
C GLN A 46 -19.65 15.03 -2.28
N ALA A 47 -20.45 14.08 -2.74
CA ALA A 47 -20.61 13.73 -4.13
C ALA A 47 -22.07 13.91 -4.59
N LYS A 48 -22.25 14.41 -5.80
CA LYS A 48 -23.54 14.39 -6.50
C LYS A 48 -24.16 12.97 -6.62
N VAL A 49 -25.49 12.90 -6.57
CA VAL A 49 -26.16 11.61 -6.56
C VAL A 49 -25.87 10.81 -7.80
N SER A 50 -25.61 11.46 -8.94
CA SER A 50 -25.29 10.66 -10.15
C SER A 50 -23.96 9.98 -10.06
N LEU A 51 -22.96 10.62 -9.43
CA LEU A 51 -21.72 9.87 -9.07
C LEU A 51 -21.99 8.81 -8.02
N MET A 52 -22.75 9.16 -6.98
CA MET A 52 -23.12 8.19 -5.95
C MET A 52 -23.80 6.94 -6.50
N SER A 53 -24.75 7.12 -7.43
CA SER A 53 -25.43 5.95 -8.04
C SER A 53 -24.48 5.04 -8.74
N GLN A 54 -23.42 5.59 -9.36
CA GLN A 54 -22.44 4.72 -10.04
C GLN A 54 -21.52 4.02 -9.05
N LEU A 55 -21.04 4.80 -8.07
CA LEU A 55 -20.12 4.33 -7.04
C LEU A 55 -20.70 3.15 -6.30
N PHE A 56 -21.98 3.17 -5.99
CA PHE A 56 -22.55 2.07 -5.23
C PHE A 56 -23.56 1.16 -5.95
N HIS A 57 -23.53 1.18 -7.26
CA HIS A 57 -24.01 0.06 -8.05
C HIS A 57 -23.29 -1.22 -7.77
N LYS A 58 -23.92 -2.29 -8.18
CA LYS A 58 -23.33 -3.60 -8.31
C LYS A 58 -22.41 -3.72 -9.51
N ASP A 59 -22.69 -2.94 -10.53
CA ASP A 59 -22.47 -3.33 -11.89
C ASP A 59 -21.10 -2.85 -12.28
N PHE A 60 -20.16 -3.75 -12.25
CA PHE A 60 -18.77 -3.33 -12.51
C PHE A 60 -18.76 -2.25 -13.58
N LYS A 61 -19.84 -2.23 -14.40
CA LYS A 61 -19.90 -1.38 -15.59
C LYS A 61 -19.90 0.06 -15.16
N GLN A 62 -20.40 0.35 -13.98
CA GLN A 62 -21.23 1.48 -13.66
C GLN A 62 -20.03 2.08 -12.80
N HIS A 63 -19.26 1.18 -12.18
CA HIS A 63 -17.96 1.55 -11.55
C HIS A 63 -16.98 2.16 -12.55
N LEU A 64 -16.87 1.60 -13.76
CA LEU A 64 -15.97 2.14 -14.78
C LEU A 64 -16.38 3.54 -15.13
N ALA A 65 -17.68 3.81 -15.08
CA ALA A 65 -18.18 5.14 -15.43
C ALA A 65 -17.82 6.13 -14.33
N ALA A 66 -17.94 5.70 -13.08
CA ALA A 66 -17.53 6.54 -11.96
C ALA A 66 -16.01 6.78 -12.05
N LEU A 67 -15.23 5.74 -12.28
CA LEU A 67 -13.78 5.89 -12.41
C LEU A 67 -13.31 6.89 -13.49
N ASP A 68 -13.97 6.87 -14.65
CA ASP A 68 -13.72 7.80 -15.72
C ASP A 68 -14.00 9.26 -15.30
N SER A 69 -15.15 9.50 -14.68
CA SER A 69 -15.45 10.82 -14.18
C SER A 69 -14.41 11.25 -13.15
N LEU A 70 -13.99 10.32 -12.29
CA LEU A 70 -13.09 10.68 -11.16
C LEU A 70 -11.70 10.98 -11.71
N VAL A 71 -11.23 10.12 -12.63
CA VAL A 71 -9.90 10.33 -13.25
C VAL A 71 -9.83 11.68 -13.99
N ARG A 72 -10.92 12.07 -14.66
CA ARG A 72 -10.98 13.36 -15.36
C ARG A 72 -10.91 14.57 -14.45
N LEU A 73 -11.35 14.43 -13.18
CA LEU A 73 -11.20 15.55 -12.21
C LEU A 73 -9.78 15.92 -11.94
N ALA A 74 -8.85 15.01 -12.08
CA ALA A 74 -7.42 15.36 -12.01
C ALA A 74 -7.05 16.56 -12.93
N ASP A 75 -7.78 16.73 -14.05
CA ASP A 75 -7.55 17.84 -14.97
C ASP A 75 -8.40 19.01 -14.61
N THR A 76 -9.67 18.76 -14.29
CA THR A 76 -10.65 19.83 -14.15
C THR A 76 -10.89 20.27 -12.70
N SER A 77 -10.73 19.36 -11.73
CA SER A 77 -10.95 19.77 -10.33
C SER A 77 -10.10 18.92 -9.39
N PRO A 78 -8.75 19.00 -9.54
CA PRO A 78 -7.87 18.18 -8.68
C PRO A 78 -8.06 18.38 -7.17
N ARG A 79 -8.46 19.56 -6.72
CA ARG A 79 -8.73 19.78 -5.28
C ARG A 79 -9.89 18.96 -4.75
N SER A 80 -10.80 18.55 -5.65
CA SER A 80 -11.88 17.61 -5.30
C SER A 80 -11.36 16.25 -4.94
N LEU A 81 -10.43 15.72 -5.73
CA LEU A 81 -9.78 14.46 -5.44
C LEU A 81 -8.97 14.54 -4.14
N LEU A 82 -8.21 15.63 -3.92
CA LEU A 82 -7.47 15.83 -2.67
C LEU A 82 -8.37 15.92 -1.43
N SER A 83 -9.43 16.74 -1.52
CA SER A 83 -10.34 16.98 -0.40
C SER A 83 -10.97 15.67 0.07
N ASN A 84 -11.16 14.74 -0.86
CA ASN A 84 -11.87 13.48 -0.63
C ASN A 84 -11.00 12.25 -0.79
N SER A 85 -9.69 12.45 -0.73
CA SER A 85 -8.72 11.37 -0.98
C SER A 85 -8.95 10.19 -0.06
N ASP A 86 -9.22 10.46 1.20
CA ASP A 86 -9.43 9.38 2.16
C ASP A 86 -10.64 8.51 1.77
N LEU A 87 -11.71 9.11 1.29
CA LEU A 87 -12.94 8.36 0.95
C LEU A 87 -12.80 7.66 -0.36
N LEU A 88 -12.10 8.30 -1.30
CA LEU A 88 -11.87 7.69 -2.62
C LEU A 88 -10.97 6.50 -2.51
N LEU A 89 -9.92 6.59 -1.71
CA LEU A 89 -9.04 5.45 -1.50
C LEU A 89 -9.75 4.32 -0.80
N LYS A 90 -10.65 4.62 0.13
CA LYS A 90 -11.46 3.54 0.76
C LYS A 90 -12.37 2.80 -0.24
N TRP A 91 -13.06 3.56 -1.08
CA TRP A 91 -13.85 2.98 -2.16
C TRP A 91 -13.00 2.08 -3.06
N CYS A 92 -11.80 2.51 -3.42
CA CYS A 92 -10.85 1.69 -4.17
C CYS A 92 -10.49 0.39 -3.42
N THR A 93 -10.35 0.41 -2.09
CA THR A 93 -10.06 -0.83 -1.38
C THR A 93 -11.17 -1.87 -1.54
N LEU A 94 -12.43 -1.41 -1.65
CA LEU A 94 -13.58 -2.31 -1.86
C LEU A 94 -13.42 -3.05 -3.19
N ARG A 95 -12.95 -2.33 -4.21
CA ARG A 95 -12.57 -2.90 -5.49
C ARG A 95 -11.44 -3.87 -5.44
N PHE A 96 -10.57 -3.81 -4.45
CA PHE A 96 -9.51 -4.81 -4.30
C PHE A 96 -10.00 -6.21 -3.94
N PHE A 97 -11.26 -6.35 -3.52
CA PHE A 97 -11.78 -7.65 -3.10
C PHE A 97 -12.54 -8.39 -4.24
N GLU A 98 -12.90 -7.67 -5.27
CA GLU A 98 -13.49 -8.24 -6.46
C GLU A 98 -12.44 -8.72 -7.45
N THR A 99 -12.79 -9.69 -8.28
CA THR A 99 -11.90 -10.15 -9.36
C THR A 99 -12.54 -9.65 -10.65
N ASN A 100 -11.88 -8.69 -11.28
CA ASN A 100 -12.36 -8.09 -12.49
C ASN A 100 -11.20 -7.21 -12.90
N PRO A 101 -10.33 -7.75 -13.78
CA PRO A 101 -9.10 -7.07 -14.22
C PRO A 101 -9.28 -5.73 -14.92
N ALA A 102 -10.37 -5.56 -15.66
CA ALA A 102 -10.62 -4.28 -16.34
C ALA A 102 -10.87 -3.14 -15.33
N ALA A 103 -11.74 -3.41 -14.37
CA ALA A 103 -11.97 -2.46 -13.30
C ALA A 103 -10.67 -2.23 -12.52
N LEU A 104 -9.91 -3.29 -12.22
CA LEU A 104 -8.67 -3.11 -11.43
C LEU A 104 -7.68 -2.16 -12.07
N ILE A 105 -7.40 -2.30 -13.36
CA ILE A 105 -6.55 -1.35 -14.08
C ILE A 105 -6.97 0.11 -13.83
N LYS A 106 -8.26 0.40 -13.93
CA LYS A 106 -8.73 1.78 -13.77
C LYS A 106 -8.73 2.24 -12.32
N VAL A 107 -9.00 1.31 -11.40
CA VAL A 107 -8.88 1.63 -9.95
C VAL A 107 -7.46 2.05 -9.66
N LEU A 108 -6.47 1.30 -10.17
CA LEU A 108 -5.08 1.62 -9.85
C LEU A 108 -4.65 2.92 -10.46
N GLU A 109 -5.21 3.26 -11.61
CA GLU A 109 -4.95 4.56 -12.24
C GLU A 109 -5.48 5.66 -11.39
N LEU A 110 -6.69 5.48 -10.85
CA LEU A 110 -7.20 6.47 -9.87
C LEU A 110 -6.33 6.58 -8.62
N CYS A 111 -5.89 5.44 -8.07
CA CYS A 111 -5.06 5.44 -6.85
C CYS A 111 -3.77 6.20 -7.14
N LYS A 112 -3.16 5.94 -8.30
CA LYS A 112 -1.93 6.64 -8.72
C LYS A 112 -2.06 8.17 -8.80
N VAL A 113 -3.13 8.63 -9.40
CA VAL A 113 -3.39 10.05 -9.56
C VAL A 113 -3.55 10.69 -8.18
N ILE A 114 -4.30 10.03 -7.30
CA ILE A 114 -4.56 10.56 -5.95
C ILE A 114 -3.26 10.66 -5.13
N VAL A 115 -2.45 9.60 -5.10
CA VAL A 115 -1.20 9.64 -4.30
C VAL A 115 -0.14 10.60 -4.89
N GLU A 116 -0.10 10.71 -6.22
CA GLU A 116 0.71 11.80 -6.87
C GLU A 116 0.27 13.21 -6.52
N LEU A 117 -1.05 13.48 -6.46
CA LEU A 117 -1.53 14.79 -6.01
C LEU A 117 -1.24 15.04 -4.55
N ILE A 118 -1.40 14.01 -3.70
CA ILE A 118 -0.99 14.14 -2.30
C ILE A 118 0.50 14.45 -2.22
N ARG A 119 1.32 13.68 -2.95
CA ARG A 119 2.78 13.93 -2.91
C ARG A 119 3.14 15.36 -3.41
N ASP A 120 2.70 15.69 -4.63
CA ASP A 120 3.02 17.02 -5.24
C ASP A 120 2.57 18.23 -4.45
N THR A 121 1.45 18.12 -3.73
CA THR A 121 0.97 19.26 -2.99
C THR A 121 1.52 19.25 -1.57
N GLU A 122 2.32 18.24 -1.22
CA GLU A 122 2.76 18.04 0.14
C GLU A 122 1.61 18.01 1.13
N THR A 123 0.51 17.36 0.74
CA THR A 123 -0.63 17.20 1.64
C THR A 123 -0.28 16.13 2.67
N PRO A 124 -0.44 16.45 3.98
CA PRO A 124 -0.13 15.40 4.96
C PRO A 124 -1.15 14.24 4.88
N MET A 125 -0.68 13.00 5.04
CA MET A 125 -1.55 11.83 5.12
C MET A 125 -1.51 11.38 6.60
N SER A 126 -2.66 11.38 7.30
CA SER A 126 -2.75 10.95 8.68
C SER A 126 -2.46 9.46 8.80
N GLN A 127 -2.15 9.00 10.01
CA GLN A 127 -1.92 7.60 10.24
C GLN A 127 -3.19 6.79 9.86
N GLU A 128 -4.36 7.38 10.13
CA GLU A 128 -5.63 6.77 9.83
C GLU A 128 -5.82 6.56 8.33
N GLU A 129 -5.52 7.57 7.52
CA GLU A 129 -5.64 7.46 6.07
C GLU A 129 -4.66 6.43 5.50
N VAL A 130 -3.42 6.47 5.99
CA VAL A 130 -2.39 5.49 5.58
C VAL A 130 -2.80 4.05 5.88
N SER A 131 -3.26 3.82 7.09
CA SER A 131 -3.62 2.48 7.58
C SER A 131 -4.84 1.97 6.90
N ALA A 132 -5.76 2.87 6.54
CA ALA A 132 -6.99 2.47 5.81
C ALA A 132 -6.68 2.03 4.37
N PHE A 133 -5.58 2.48 3.77
CA PHE A 133 -5.36 2.20 2.35
C PHE A 133 -4.26 1.16 2.08
N VAL A 134 -3.08 1.40 2.66
CA VAL A 134 -1.88 0.65 2.34
C VAL A 134 -2.01 -0.85 2.56
N PRO A 135 -2.52 -1.34 3.72
CA PRO A 135 -2.63 -2.77 3.91
C PRO A 135 -3.46 -3.46 2.84
N TYR A 136 -4.44 -2.77 2.28
CA TYR A 136 -5.24 -3.40 1.22
C TYR A 136 -4.56 -3.31 -0.12
N LEU A 137 -3.85 -2.21 -0.39
CA LEU A 137 -3.10 -2.08 -1.64
C LEU A 137 -2.05 -3.18 -1.72
N LEU A 138 -1.46 -3.52 -0.56
CA LEU A 138 -0.46 -4.59 -0.52
C LEU A 138 -0.99 -5.98 -0.87
N LEU A 139 -2.29 -6.21 -0.71
CA LEU A 139 -2.88 -7.43 -1.21
C LEU A 139 -2.67 -7.62 -2.73
N LYS A 140 -2.67 -6.51 -3.48
CA LYS A 140 -2.69 -6.53 -4.91
C LYS A 140 -1.29 -6.70 -5.43
N THR A 141 -0.29 -6.58 -4.54
CA THR A 141 1.08 -7.05 -4.88
C THR A 141 1.10 -8.55 -5.18
N GLY A 142 0.08 -9.30 -4.77
CA GLY A 142 0.05 -10.71 -5.11
C GLY A 142 -0.72 -11.02 -6.38
N GLU A 143 -0.94 -10.01 -7.22
CA GLU A 143 -1.63 -10.18 -8.50
C GLU A 143 -0.77 -11.10 -9.43
N ALA A 144 -1.43 -11.97 -10.21
CA ALA A 144 -0.76 -12.99 -11.00
C ALA A 144 -0.09 -12.40 -12.24
N LYS A 145 -0.58 -11.25 -12.70
CA LYS A 145 -0.03 -10.60 -13.89
C LYS A 145 1.08 -9.64 -13.54
N ASP A 146 2.19 -9.76 -14.26
CA ASP A 146 3.36 -8.94 -14.00
C ASP A 146 3.15 -7.39 -14.14
N ASN A 147 2.37 -7.01 -15.15
N ASN A 147 2.37 -6.99 -15.13
CA ASN A 147 2.04 -5.59 -15.36
CA ASN A 147 2.09 -5.55 -15.32
C ASN A 147 1.19 -5.02 -14.22
C ASN A 147 1.18 -5.01 -14.21
N MET A 148 0.35 -5.87 -13.63
CA MET A 148 -0.47 -5.47 -12.51
C MET A 148 0.38 -5.26 -11.25
N ARG A 149 1.34 -6.17 -11.00
CA ARG A 149 2.28 -5.99 -9.89
C ARG A 149 3.10 -4.74 -10.09
N THR A 150 3.44 -4.41 -11.33
CA THR A 150 4.20 -3.21 -11.60
C THR A 150 3.44 -1.92 -11.27
N SER A 151 2.17 -1.89 -11.59
CA SER A 151 1.32 -0.73 -11.39
C SER A 151 1.14 -0.49 -9.89
N VAL A 152 1.01 -1.60 -9.17
CA VAL A 152 0.88 -1.57 -7.70
C VAL A 152 2.18 -1.04 -7.11
N ARG A 153 3.34 -1.49 -7.59
CA ARG A 153 4.59 -1.03 -7.02
C ARG A 153 4.82 0.41 -7.29
N ASP A 154 4.40 0.90 -8.45
CA ASP A 154 4.52 2.35 -8.75
C ASP A 154 3.72 3.19 -7.76
N ILE A 155 2.54 2.71 -7.37
CA ILE A 155 1.77 3.44 -6.30
C ILE A 155 2.48 3.32 -4.93
N VAL A 156 3.00 2.16 -4.60
CA VAL A 156 3.78 2.01 -3.38
C VAL A 156 4.95 2.98 -3.37
N ASN A 157 5.64 3.16 -4.51
CA ASN A 157 6.82 4.06 -4.58
C ASN A 157 6.46 5.53 -4.32
N VAL A 158 5.30 5.95 -4.78
CA VAL A 158 4.81 7.32 -4.41
C VAL A 158 4.49 7.45 -2.90
N LEU A 159 3.77 6.48 -2.35
CA LEU A 159 3.44 6.49 -0.94
C LEU A 159 4.67 6.43 -0.05
N SER A 160 5.71 5.72 -0.47
CA SER A 160 6.97 5.64 0.30
C SER A 160 7.53 7.05 0.41
N ASP A 161 7.39 7.87 -0.61
CA ASP A 161 7.84 9.26 -0.53
C ASP A 161 7.00 10.08 0.41
N VAL A 162 5.69 9.92 0.38
CA VAL A 162 4.77 10.65 1.25
C VAL A 162 4.89 10.19 2.71
N VAL A 163 4.85 8.86 2.92
CA VAL A 163 4.74 8.23 4.25
C VAL A 163 6.13 8.04 4.89
N GLY A 164 7.12 7.64 4.08
CA GLY A 164 8.46 7.39 4.57
C GLY A 164 8.67 5.94 4.96
N PRO A 165 9.90 5.41 4.77
CA PRO A 165 10.21 4.05 5.15
C PRO A 165 9.90 3.62 6.55
N LEU A 166 10.12 4.49 7.53
CA LEU A 166 9.85 4.10 8.90
C LEU A 166 8.41 3.79 9.16
N LYS A 167 7.49 4.56 8.60
CA LYS A 167 6.07 4.25 8.81
C LYS A 167 5.50 3.23 7.83
N MET A 168 6.12 3.04 6.65
CA MET A 168 5.69 2.01 5.70
C MET A 168 6.10 0.59 6.10
N THR A 169 7.28 0.45 6.69
CA THR A 169 7.90 -0.88 6.90
C THR A 169 7.09 -1.80 7.78
N PRO A 170 6.50 -1.29 8.89
CA PRO A 170 5.65 -2.19 9.72
C PRO A 170 4.50 -2.87 8.93
N MET A 171 3.91 -2.16 7.95
CA MET A 171 2.83 -2.71 7.13
C MET A 171 3.42 -3.71 6.13
N LEU A 172 4.60 -3.37 5.58
CA LEU A 172 5.30 -4.30 4.67
C LEU A 172 5.72 -5.56 5.42
N LEU A 173 6.20 -5.43 6.66
CA LEU A 173 6.50 -6.61 7.53
C LEU A 173 5.29 -7.42 7.80
N ASP A 174 4.18 -6.75 8.11
CA ASP A 174 2.93 -7.45 8.39
C ASP A 174 2.45 -8.26 7.20
N ALA A 175 2.62 -7.67 6.01
CA ALA A 175 2.31 -8.35 4.73
C ALA A 175 3.02 -9.67 4.53
N LEU A 176 4.14 -9.91 5.21
CA LEU A 176 4.87 -11.16 5.11
C LEU A 176 4.11 -12.35 5.69
N LYS A 177 3.07 -12.07 6.48
CA LYS A 177 2.28 -13.13 7.09
C LYS A 177 1.32 -13.67 6.08
N SER A 178 1.26 -13.06 4.91
CA SER A 178 0.42 -13.59 3.81
C SER A 178 0.73 -15.03 3.30
N LYS A 179 -0.33 -15.77 2.95
CA LYS A 179 -0.20 -17.07 2.26
C LYS A 179 0.21 -16.91 0.80
N ASN A 180 0.05 -15.72 0.28
CA ASN A 180 0.30 -15.47 -1.13
C ASN A 180 1.80 -15.16 -1.31
N ALA A 181 2.51 -16.06 -1.99
CA ALA A 181 3.95 -15.91 -2.09
C ALA A 181 4.35 -14.70 -2.89
N ARG A 182 3.53 -14.29 -3.86
CA ARG A 182 3.86 -13.07 -4.64
C ARG A 182 3.78 -11.83 -3.76
N GLN A 183 2.78 -11.77 -2.88
CA GLN A 183 2.72 -10.71 -1.87
C GLN A 183 3.94 -10.71 -0.95
N ARG A 184 4.34 -11.85 -0.39
CA ARG A 184 5.54 -11.86 0.44
C ARG A 184 6.77 -11.38 -0.31
N SER A 185 7.01 -11.87 -1.55
CA SER A 185 8.21 -11.46 -2.24
C SER A 185 8.16 -10.01 -2.64
N GLU A 186 7.04 -9.53 -3.15
CA GLU A 186 7.00 -8.10 -3.56
C GLU A 186 7.24 -7.13 -2.39
N CYS A 187 6.71 -7.46 -1.21
CA CYS A 187 6.92 -6.70 0.02
C CYS A 187 8.37 -6.69 0.51
N LEU A 188 9.06 -7.83 0.46
CA LEU A 188 10.51 -7.89 0.72
C LEU A 188 11.31 -7.02 -0.20
N LEU A 189 10.95 -7.01 -1.48
CA LEU A 189 11.65 -6.17 -2.49
C LEU A 189 11.54 -4.68 -2.16
N VAL A 190 10.38 -4.24 -1.69
CA VAL A 190 10.26 -2.84 -1.22
C VAL A 190 11.19 -2.55 0.00
N ILE A 191 11.17 -3.42 1.01
CA ILE A 191 12.13 -3.32 2.11
C ILE A 191 13.54 -3.30 1.61
N GLU A 192 13.91 -4.18 0.66
CA GLU A 192 15.25 -4.16 0.15
C GLU A 192 15.58 -2.77 -0.45
N TYR A 193 14.65 -2.19 -1.19
CA TYR A 193 14.88 -0.90 -1.81
C TYR A 193 15.05 0.24 -0.77
N TYR A 194 14.28 0.20 0.31
CA TYR A 194 14.44 1.17 1.41
C TYR A 194 15.86 1.12 1.99
N ILE A 195 16.36 -0.09 2.17
CA ILE A 195 17.65 -0.28 2.87
C ILE A 195 18.79 0.06 1.94
N THR A 196 18.73 -0.40 0.69
CA THR A 196 19.70 0.02 -0.31
C THR A 196 19.77 1.56 -0.45
N ASN A 197 18.65 2.25 -0.35
CA ASN A 197 18.68 3.68 -0.63
C ASN A 197 18.88 4.57 0.56
N ALA A 198 18.41 4.15 1.74
CA ALA A 198 18.49 4.95 2.94
C ALA A 198 19.23 4.30 4.10
N GLY A 199 19.62 3.02 3.99
CA GLY A 199 20.28 2.31 5.09
C GLY A 199 19.36 1.60 6.06
N ILE A 200 19.96 0.79 6.91
CA ILE A 200 19.21 0.00 7.90
C ILE A 200 18.97 0.77 9.20
N SER A 201 19.87 1.71 9.48
CA SER A 201 19.83 2.47 10.74
C SER A 201 18.49 3.18 11.01
N PRO A 202 17.92 3.85 9.96
CA PRO A 202 16.61 4.49 10.21
C PRO A 202 15.49 3.50 10.61
N LEU A 203 15.72 2.19 10.41
CA LEU A 203 14.70 1.17 10.61
C LEU A 203 14.98 0.30 11.83
N LYS A 204 16.00 0.66 12.60
CA LYS A 204 16.47 -0.17 13.69
C LYS A 204 15.44 -0.62 14.76
N SER A 205 14.41 0.22 15.06
CA SER A 205 13.37 -0.16 16.06
C SER A 205 12.43 -1.27 15.57
N LEU A 206 12.52 -1.56 14.27
CA LEU A 206 11.56 -2.47 13.64
C LEU A 206 12.00 -3.95 13.56
N SER A 207 13.25 -4.25 13.87
CA SER A 207 13.65 -5.66 13.89
C SER A 207 13.47 -6.29 12.47
N VAL A 208 13.91 -5.56 11.45
CA VAL A 208 13.85 -6.02 10.10
C VAL A 208 14.66 -7.31 9.92
N GLU A 209 15.92 -7.33 10.35
CA GLU A 209 16.80 -8.51 10.13
C GLU A 209 16.19 -9.75 10.70
N LYS A 210 15.69 -9.67 11.93
CA LYS A 210 15.12 -10.82 12.60
C LYS A 210 13.79 -11.30 12.02
N THR A 211 12.96 -10.35 11.57
CA THR A 211 11.69 -10.69 10.99
C THR A 211 11.86 -11.31 9.61
N VAL A 212 12.86 -10.82 8.88
CA VAL A 212 13.06 -11.22 7.50
C VAL A 212 13.83 -12.56 7.42
N ALA A 213 14.82 -12.75 8.30
CA ALA A 213 15.67 -13.96 8.29
C ALA A 213 14.94 -15.31 8.08
N PRO A 214 13.82 -15.60 8.78
CA PRO A 214 13.20 -16.90 8.53
C PRO A 214 12.77 -17.13 7.06
N PHE A 215 12.62 -16.06 6.28
CA PHE A 215 12.09 -16.21 4.91
C PHE A 215 13.17 -16.66 3.93
N VAL A 216 14.42 -16.75 4.39
CA VAL A 216 15.47 -17.37 3.62
C VAL A 216 15.12 -18.84 3.39
N GLY A 217 14.29 -19.41 4.26
CA GLY A 217 13.80 -20.79 4.18
C GLY A 217 12.39 -20.97 3.62
N ASP A 218 11.84 -19.93 3.02
CA ASP A 218 10.51 -19.99 2.44
C ASP A 218 10.49 -21.02 1.30
N LYS A 219 9.33 -21.64 1.11
CA LYS A 219 9.03 -22.63 0.04
C LYS A 219 9.21 -22.04 -1.36
N ASP A 220 8.98 -20.73 -1.48
CA ASP A 220 8.96 -20.02 -2.74
C ASP A 220 10.30 -19.35 -3.07
N VAL A 221 10.83 -19.61 -4.26
CA VAL A 221 12.16 -19.09 -4.63
C VAL A 221 12.23 -17.56 -4.69
N ASN A 222 11.15 -16.90 -5.06
CA ASN A 222 11.22 -15.43 -5.17
C ASN A 222 11.28 -14.83 -3.77
N VAL A 223 10.56 -15.41 -2.82
CA VAL A 223 10.60 -14.97 -1.42
C VAL A 223 11.99 -15.18 -0.84
N ARG A 224 12.54 -16.39 -1.05
CA ARG A 224 13.90 -16.69 -0.56
C ARG A 224 14.91 -15.74 -1.10
N ASN A 225 14.90 -15.51 -2.41
CA ASN A 225 15.89 -14.64 -3.04
C ASN A 225 15.81 -13.18 -2.53
N ALA A 226 14.60 -12.68 -2.36
CA ALA A 226 14.37 -11.29 -1.86
C ALA A 226 14.77 -11.23 -0.37
N ALA A 227 14.50 -12.30 0.40
CA ALA A 227 14.86 -12.30 1.84
C ALA A 227 16.36 -12.28 1.98
N ILE A 228 17.06 -13.10 1.17
CA ILE A 228 18.51 -13.08 1.12
C ILE A 228 18.96 -11.69 0.76
N ASN A 229 18.38 -11.08 -0.28
CA ASN A 229 18.85 -9.74 -0.66
C ASN A 229 18.58 -8.59 0.34
N VAL A 230 17.54 -8.71 1.14
CA VAL A 230 17.33 -7.79 2.27
C VAL A 230 18.51 -7.91 3.28
N LEU A 231 18.90 -9.12 3.65
CA LEU A 231 19.96 -9.32 4.64
C LEU A 231 21.32 -8.87 4.16
N VAL A 232 21.60 -9.10 2.88
CA VAL A 232 22.80 -8.56 2.19
C VAL A 232 22.84 -7.03 2.14
N ALA A 233 21.69 -6.40 1.87
CA ALA A 233 21.58 -4.93 1.87
C ALA A 233 21.87 -4.39 3.28
N CYS A 234 21.39 -5.06 4.30
CA CYS A 234 21.68 -4.73 5.72
C CYS A 234 23.17 -4.90 6.03
N PHE A 235 23.73 -6.04 5.64
CA PHE A 235 25.13 -6.28 5.79
C PHE A 235 25.96 -5.14 5.22
N LYS A 236 25.65 -4.72 4.01
CA LYS A 236 26.41 -3.64 3.41
C LYS A 236 26.55 -2.40 4.30
N PHE A 237 25.52 -2.10 5.08
CA PHE A 237 25.53 -0.94 6.00
C PHE A 237 26.08 -1.23 7.40
N GLU A 238 25.81 -2.40 7.95
CA GLU A 238 26.11 -2.64 9.34
C GLU A 238 27.01 -3.87 9.54
N GLY A 239 27.55 -4.44 8.44
CA GLY A 239 28.37 -5.68 8.54
C GLY A 239 27.82 -6.74 9.50
N ASP A 240 28.70 -7.34 10.31
CA ASP A 240 28.35 -8.47 11.21
C ASP A 240 27.28 -8.23 12.25
N GLN A 241 26.95 -6.96 12.52
CA GLN A 241 25.75 -6.61 13.27
C GLN A 241 24.50 -7.22 12.62
N MET A 242 24.47 -7.28 11.28
CA MET A 242 23.36 -7.97 10.58
C MET A 242 23.12 -9.32 11.21
N TRP A 243 24.21 -10.11 11.36
CA TRP A 243 24.12 -11.47 11.93
C TRP A 243 23.62 -11.44 13.37
N LYS A 244 24.08 -10.46 14.16
CA LYS A 244 23.62 -10.39 15.58
C LYS A 244 22.10 -10.12 15.67
N ALA A 245 21.65 -9.06 14.95
CA ALA A 245 20.22 -8.71 14.76
C ALA A 245 19.34 -9.86 14.21
N ALA A 246 19.83 -10.58 13.21
CA ALA A 246 19.06 -11.68 12.63
C ALA A 246 18.78 -12.82 13.61
N GLY A 247 19.71 -13.06 14.55
CA GLY A 247 19.60 -14.20 15.46
C GLY A 247 19.90 -15.52 14.77
N ARG A 248 19.52 -16.63 15.43
CA ARG A 248 19.86 -18.00 14.98
C ARG A 248 19.20 -18.32 13.67
N MET A 249 19.99 -18.77 12.68
CA MET A 249 19.45 -19.14 11.36
C MET A 249 19.85 -20.58 11.12
N ALA A 250 19.04 -21.32 10.36
CA ALA A 250 19.47 -22.64 9.92
C ALA A 250 20.84 -22.50 9.25
N ASP A 251 21.75 -23.45 9.50
CA ASP A 251 23.13 -23.37 8.96
C ASP A 251 23.13 -23.22 7.44
N LYS A 252 22.23 -23.94 6.78
CA LYS A 252 22.25 -23.90 5.34
C LYS A 252 21.68 -22.59 4.78
N ASP A 253 20.76 -21.97 5.50
CA ASP A 253 20.23 -20.64 5.14
C ASP A 253 21.35 -19.61 5.29
N LYS A 254 22.10 -19.69 6.37
CA LYS A 254 23.17 -18.76 6.62
C LYS A 254 24.24 -18.85 5.53
N SER A 255 24.58 -20.06 5.03
CA SER A 255 25.58 -20.20 3.93
C SER A 255 25.15 -19.56 2.64
N LEU A 256 23.85 -19.67 2.31
CA LEU A 256 23.32 -18.98 1.12
C LEU A 256 23.50 -17.47 1.26
N VAL A 257 23.16 -16.92 2.40
CA VAL A 257 23.40 -15.47 2.60
C VAL A 257 24.89 -15.12 2.51
N GLU A 258 25.78 -15.92 3.15
CA GLU A 258 27.26 -15.67 3.08
C GLU A 258 27.79 -15.68 1.67
N GLU A 259 27.34 -16.65 0.86
CA GLU A 259 27.73 -16.77 -0.54
C GLU A 259 27.24 -15.57 -1.38
N ARG A 260 26.01 -15.10 -1.13
CA ARG A 260 25.51 -13.90 -1.81
C ARG A 260 26.38 -12.68 -1.48
N ILE A 261 26.72 -12.50 -0.20
CA ILE A 261 27.64 -11.42 0.26
C ILE A 261 28.96 -11.57 -0.48
N LYS A 262 29.54 -12.77 -0.43
CA LYS A 262 30.79 -13.02 -1.11
C LYS A 262 30.70 -12.63 -2.59
N ARG A 263 29.68 -13.11 -3.30
CA ARG A 263 29.54 -12.80 -4.72
C ARG A 263 29.25 -11.34 -5.10
N THR A 264 28.41 -10.65 -4.33
CA THR A 264 28.08 -9.24 -4.65
C THR A 264 29.27 -8.27 -4.40
N GLY A 265 30.22 -8.69 -3.57
CA GLY A 265 31.42 -7.94 -3.29
C GLY A 265 32.72 -8.35 -4.01
N VAL A 266 32.69 -9.39 -4.88
CA VAL A 266 33.80 -9.63 -5.82
C VAL A 266 33.50 -8.91 -7.14
#